data_5NPL
#
_entry.id   5NPL
#
_cell.length_a   79.890
_cell.length_b   120.734
_cell.length_c   117.548
_cell.angle_alpha   90.00
_cell.angle_beta   90.00
_cell.angle_gamma   90.00
#
_symmetry.space_group_name_H-M   'C 2 2 21'
#
loop_
_entity.id
_entity.type
_entity.pdbx_description
1 polymer 'Similar to tr|Q8YYT1|Q8YYT1'
2 non-polymer 'YTTERBIUM (III) ION'
3 non-polymer '10-((2R)-2-HYDROXYPROPYL)-1,4,7,10-TETRAAZACYCLODODECANE 1,4,7-TRIACETIC ACID'
4 water water
#
_entity_poly.entity_id   1
_entity_poly.type   'polypeptide(L)'
_entity_poly.pdbx_seq_one_letter_code
;GPMVLQAQEIMTQNVVTIRGSATVADAVKLMKEKKLRGLIVEPRHEQDPYGIVTETDIVYKVAAFGHDPKTMRVYEIMAK
PCVVVNPELGVEYVARLFAQTRIRRAPVIQGKTLLGIISVSDILFKSDFVEKPKRLFIEDEIEAAREDARAICAAKGETS
PDCAAAWDVVEELQAEASHQRAKKQGSNSFQAYCEANPDALECRIYDD
;
_entity_poly.pdbx_strand_id   A,B,C
#
# COMPACT_ATOMS: atom_id res chain seq x y z
N PRO A 2 23.14 18.01 -2.18
CA PRO A 2 24.25 18.06 -1.23
C PRO A 2 23.88 18.55 0.17
N MET A 3 22.87 19.42 0.27
CA MET A 3 22.58 20.09 1.56
C MET A 3 21.92 19.16 2.57
N VAL A 4 20.91 18.42 2.11
CA VAL A 4 20.20 17.51 2.98
C VAL A 4 21.09 16.32 3.30
N LEU A 5 21.25 16.02 4.57
CA LEU A 5 21.94 14.84 5.07
C LEU A 5 21.31 13.55 4.53
N GLN A 6 22.15 12.66 3.98
CA GLN A 6 21.68 11.49 3.24
C GLN A 6 21.91 10.22 4.01
N ALA A 7 21.14 9.19 3.65
CA ALA A 7 21.18 7.85 4.28
C ALA A 7 22.57 7.29 4.38
N GLN A 8 23.35 7.40 3.31
CA GLN A 8 24.71 6.85 3.29
C GLN A 8 25.67 7.51 4.28
N GLU A 9 25.39 8.76 4.65
CA GLU A 9 26.20 9.51 5.63
C GLU A 9 25.96 9.05 7.05
N ILE A 10 24.81 8.45 7.33
CA ILE A 10 24.52 7.95 8.66
C ILE A 10 24.40 6.42 8.78
N MET A 11 24.43 5.69 7.68
CA MET A 11 24.29 4.24 7.77
C MET A 11 25.48 3.57 8.50
N THR A 12 25.21 2.42 9.08
CA THR A 12 26.24 1.52 9.54
C THR A 12 26.84 0.84 8.33
N GLN A 13 28.17 0.82 8.28
CA GLN A 13 28.88 0.29 7.14
C GLN A 13 29.20 -1.19 7.29
N ASN A 14 29.37 -1.66 8.53
CA ASN A 14 29.58 -3.09 8.80
C ASN A 14 28.28 -3.85 8.59
N VAL A 15 28.17 -4.46 7.42
CA VAL A 15 27.01 -5.24 7.09
C VAL A 15 27.45 -6.62 6.70
N VAL A 16 26.90 -7.63 7.36
CA VAL A 16 27.20 -9.01 7.09
C VAL A 16 25.98 -9.64 6.45
N THR A 17 26.23 -10.64 5.60
CA THR A 17 25.19 -11.42 4.94
C THR A 17 25.21 -12.88 5.38
N ILE A 18 24.10 -13.56 5.12
CA ILE A 18 23.96 -14.99 5.36
C ILE A 18 23.12 -15.61 4.25
N ARG A 19 23.34 -16.88 3.96
CA ARG A 19 22.47 -17.60 3.02
C ARG A 19 21.08 -17.88 3.63
N GLY A 20 20.08 -17.88 2.76
CA GLY A 20 18.73 -18.24 3.17
C GLY A 20 18.60 -19.65 3.65
N SER A 21 19.51 -20.54 3.21
CA SER A 21 19.49 -21.96 3.57
C SER A 21 20.10 -22.25 4.94
N ALA A 22 20.77 -21.27 5.55
CA ALA A 22 21.33 -21.44 6.89
C ALA A 22 20.25 -21.66 7.95
N THR A 23 20.63 -22.27 9.07
CA THR A 23 19.70 -22.42 10.19
C THR A 23 19.58 -21.10 10.94
N VAL A 24 18.52 -20.98 11.74
CA VAL A 24 18.34 -19.80 12.56
C VAL A 24 19.42 -19.76 13.65
N ALA A 25 19.86 -20.94 14.10
CA ALA A 25 20.99 -21.02 15.02
C ALA A 25 22.28 -20.41 14.46
N ASP A 26 22.62 -20.76 13.21
CA ASP A 26 23.71 -20.08 12.46
C ASP A 26 23.55 -18.56 12.39
N ALA A 27 22.36 -18.10 12.09
CA ALA A 27 22.04 -16.68 12.09
C ALA A 27 22.28 -16.05 13.47
N VAL A 28 21.82 -16.72 14.53
CA VAL A 28 21.92 -16.18 15.88
C VAL A 28 23.40 -16.10 16.32
N LYS A 29 24.16 -17.13 15.95
CA LYS A 29 25.59 -17.19 16.24
C LYS A 29 26.36 -16.06 15.58
N LEU A 30 26.04 -15.79 14.32
CA LEU A 30 26.67 -14.73 13.55
C LEU A 30 26.34 -13.36 14.14
N MET A 31 25.08 -13.16 14.54
CA MET A 31 24.61 -11.89 15.12
C MET A 31 25.27 -11.64 16.46
N LYS A 32 25.39 -12.68 17.27
CA LYS A 32 26.15 -12.59 18.51
C LYS A 32 27.64 -12.29 18.31
N GLU A 33 28.36 -13.04 17.45
CA GLU A 33 29.79 -12.77 17.18
C GLU A 33 30.00 -11.32 16.70
N LYS A 34 29.27 -10.93 15.67
CA LYS A 34 29.46 -9.62 15.05
C LYS A 34 28.69 -8.47 15.80
N LYS A 35 27.88 -8.80 16.81
CA LYS A 35 27.01 -7.81 17.54
C LYS A 35 25.97 -7.07 16.63
N LEU A 36 25.11 -7.82 15.94
CA LEU A 36 24.22 -7.29 14.90
C LEU A 36 22.75 -7.59 15.11
N ARG A 37 21.90 -6.61 14.86
CA ARG A 37 20.47 -6.71 15.03
C ARG A 37 19.77 -7.04 13.73
N GLY A 38 20.56 -7.27 12.68
CA GLY A 38 20.01 -7.62 11.37
C GLY A 38 21.05 -8.22 10.46
N LEU A 39 20.68 -9.29 9.74
CA LEU A 39 21.50 -9.84 8.66
C LEU A 39 20.81 -9.65 7.34
N ILE A 40 21.61 -9.31 6.35
CA ILE A 40 21.14 -9.25 4.96
C ILE A 40 21.24 -10.68 4.37
N VAL A 41 20.21 -11.09 3.61
CA VAL A 41 20.24 -12.38 2.99
C VAL A 41 20.85 -12.17 1.59
N GLU A 42 21.94 -12.91 1.32
CA GLU A 42 22.67 -12.91 0.02
C GLU A 42 21.74 -13.20 -1.12
N PRO A 43 21.74 -12.36 -2.17
CA PRO A 43 21.10 -12.81 -3.41
C PRO A 43 21.85 -13.97 -4.03
N ARG A 44 21.12 -14.96 -4.53
CA ARG A 44 21.70 -16.13 -5.20
C ARG A 44 22.15 -15.87 -6.65
N HIS A 45 21.63 -14.81 -7.28
CA HIS A 45 21.97 -14.47 -8.66
C HIS A 45 21.49 -13.04 -9.01
N GLU A 46 22.02 -12.46 -10.09
CA GLU A 46 21.71 -11.07 -10.54
C GLU A 46 20.27 -10.53 -10.28
N GLN A 47 19.27 -11.33 -10.63
CA GLN A 47 17.84 -10.99 -10.54
C GLN A 47 17.27 -11.15 -9.16
N ASP A 48 17.84 -12.05 -8.36
CA ASP A 48 17.30 -12.41 -7.04
C ASP A 48 17.32 -11.20 -6.07
N PRO A 49 16.21 -10.88 -5.39
CA PRO A 49 16.22 -9.67 -4.56
C PRO A 49 16.97 -9.80 -3.22
N TYR A 50 17.33 -8.67 -2.63
CA TYR A 50 17.85 -8.70 -1.23
C TYR A 50 16.73 -9.00 -0.26
N GLY A 51 17.11 -9.70 0.80
CA GLY A 51 16.21 -9.99 1.90
C GLY A 51 16.88 -9.62 3.19
N ILE A 52 16.13 -9.63 4.27
CA ILE A 52 16.65 -9.32 5.61
C ILE A 52 16.00 -10.27 6.64
N VAL A 53 16.76 -10.57 7.68
CA VAL A 53 16.27 -11.23 8.88
C VAL A 53 16.79 -10.38 10.03
N THR A 54 15.94 -10.08 10.98
CA THR A 54 16.22 -9.10 12.02
C THR A 54 15.99 -9.75 13.39
N GLU A 55 16.55 -9.14 14.43
CA GLU A 55 16.34 -9.60 15.80
C GLU A 55 14.87 -9.88 16.13
N THR A 56 13.96 -9.04 15.64
CA THR A 56 12.54 -9.21 15.88
C THR A 56 11.94 -10.43 15.19
N ASP A 57 12.32 -10.68 13.94
CA ASP A 57 11.93 -11.89 13.24
C ASP A 57 12.26 -13.12 14.09
N ILE A 58 13.49 -13.16 14.60
CA ILE A 58 13.95 -14.30 15.36
C ILE A 58 13.20 -14.43 16.68
N VAL A 59 13.02 -13.32 17.39
CA VAL A 59 12.34 -13.33 18.71
C VAL A 59 10.84 -13.62 18.57
N TYR A 60 10.17 -12.91 17.67
CA TYR A 60 8.73 -13.10 17.45
C TYR A 60 8.39 -14.45 16.81
N LYS A 61 9.19 -14.91 15.86
CA LYS A 61 8.84 -16.15 15.14
C LYS A 61 9.44 -17.45 15.66
N VAL A 62 10.48 -17.38 16.49
CA VAL A 62 11.15 -18.57 16.98
C VAL A 62 11.11 -18.64 18.50
N ALA A 63 11.68 -17.66 19.18
CA ALA A 63 11.72 -17.61 20.68
C ALA A 63 10.33 -17.64 21.33
N ALA A 64 9.43 -16.81 20.81
CA ALA A 64 8.06 -16.67 21.37
C ALA A 64 7.17 -17.91 21.24
N PHE A 65 7.53 -18.84 20.34
CA PHE A 65 6.86 -20.14 20.24
C PHE A 65 7.63 -21.26 20.85
N GLY A 66 8.93 -21.04 21.11
CA GLY A 66 9.79 -22.10 21.60
C GLY A 66 10.23 -23.07 20.51
N HIS A 67 10.28 -22.61 19.26
CA HIS A 67 10.85 -23.42 18.18
C HIS A 67 12.33 -23.63 18.36
N ASP A 68 12.83 -24.71 17.77
CA ASP A 68 14.22 -25.07 17.83
C ASP A 68 14.98 -24.33 16.73
N PRO A 69 15.82 -23.34 17.10
CA PRO A 69 16.55 -22.66 16.04
C PRO A 69 17.46 -23.57 15.19
N LYS A 70 17.83 -24.74 15.70
CA LYS A 70 18.68 -25.68 14.96
C LYS A 70 17.98 -26.42 13.81
N THR A 71 16.64 -26.41 13.80
CA THR A 71 15.85 -27.01 12.72
C THR A 71 15.14 -26.00 11.83
N MET A 72 14.82 -24.81 12.32
CA MET A 72 14.28 -23.78 11.42
C MET A 72 15.42 -23.22 10.57
N ARG A 73 15.04 -22.63 9.46
CA ARG A 73 15.95 -22.00 8.51
C ARG A 73 15.57 -20.53 8.29
N VAL A 74 16.55 -19.76 7.83
CA VAL A 74 16.41 -18.34 7.61
C VAL A 74 15.30 -18.03 6.60
N TYR A 75 15.20 -18.85 5.55
CA TYR A 75 14.13 -18.68 4.57
C TYR A 75 12.75 -18.78 5.17
N GLU A 76 12.61 -19.47 6.30
CA GLU A 76 11.30 -19.57 6.98
C GLU A 76 10.86 -18.33 7.75
N ILE A 77 11.78 -17.43 8.07
CA ILE A 77 11.47 -16.23 8.85
C ILE A 77 11.97 -14.89 8.28
N MET A 78 12.78 -14.89 7.23
CA MET A 78 13.24 -13.66 6.55
C MET A 78 12.14 -12.90 5.79
N ALA A 79 12.39 -11.63 5.48
CA ALA A 79 11.56 -10.85 4.54
C ALA A 79 12.36 -10.79 3.24
N LYS A 80 11.76 -11.26 2.16
CA LYS A 80 12.42 -11.27 0.89
C LYS A 80 11.34 -11.31 -0.18
N PRO A 81 11.20 -10.28 -1.01
CA PRO A 81 12.01 -9.07 -0.98
C PRO A 81 11.80 -8.25 0.27
N CYS A 82 12.80 -7.46 0.65
CA CYS A 82 12.67 -6.55 1.74
C CYS A 82 12.64 -5.13 1.17
N VAL A 83 12.10 -4.20 1.93
CA VAL A 83 12.13 -2.78 1.62
C VAL A 83 13.58 -2.34 1.66
N VAL A 84 14.00 -1.53 0.70
CA VAL A 84 15.40 -1.08 0.58
C VAL A 84 15.49 0.43 0.54
N VAL A 85 16.66 0.99 0.79
CA VAL A 85 16.85 2.42 0.89
C VAL A 85 17.93 2.82 -0.10
N ASN A 86 17.66 3.86 -0.87
CA ASN A 86 18.62 4.50 -1.76
C ASN A 86 19.71 5.20 -0.91
N PRO A 87 20.98 5.13 -1.33
CA PRO A 87 21.98 5.90 -0.53
C PRO A 87 21.81 7.44 -0.55
N GLU A 88 21.23 8.00 -1.60
CA GLU A 88 21.05 9.44 -1.72
C GLU A 88 19.80 9.92 -0.92
N LEU A 89 18.93 9.01 -0.49
CA LEU A 89 17.69 9.41 0.20
C LEU A 89 17.94 10.18 1.48
N GLY A 90 17.29 11.34 1.61
CA GLY A 90 17.43 12.20 2.82
C GLY A 90 16.89 11.50 4.05
N VAL A 91 17.49 11.76 5.22
CA VAL A 91 17.17 10.95 6.38
C VAL A 91 15.74 11.11 6.85
N GLU A 92 15.18 12.29 6.61
CA GLU A 92 13.79 12.56 6.98
C GLU A 92 12.85 11.69 6.16
N TYR A 93 13.22 11.41 4.91
CA TYR A 93 12.51 10.44 4.07
C TYR A 93 12.71 9.02 4.55
N VAL A 94 13.91 8.65 5.01
CA VAL A 94 14.10 7.32 5.56
C VAL A 94 13.22 7.11 6.77
N ALA A 95 13.24 8.10 7.66
CA ALA A 95 12.35 8.14 8.85
C ALA A 95 10.92 7.87 8.45
N ARG A 96 10.47 8.52 7.37
CA ARG A 96 9.10 8.38 6.91
C ARG A 96 8.79 7.04 6.25
N LEU A 97 9.70 6.56 5.39
CA LEU A 97 9.58 5.26 4.77
C LEU A 97 9.40 4.24 5.89
N PHE A 98 10.24 4.37 6.92
CA PHE A 98 10.18 3.48 8.06
C PHE A 98 8.83 3.56 8.78
N ALA A 99 8.31 4.77 9.02
CA ALA A 99 7.03 4.89 9.69
C ALA A 99 5.90 4.31 8.86
N GLN A 100 5.84 4.66 7.58
CA GLN A 100 4.79 4.16 6.69
C GLN A 100 4.78 2.61 6.52
N THR A 101 5.95 2.00 6.42
CA THR A 101 6.06 0.56 6.27
C THR A 101 6.22 -0.23 7.59
N ARG A 102 6.34 0.48 8.71
CA ARG A 102 6.44 -0.12 10.05
C ARG A 102 7.68 -1.00 10.24
N ILE A 103 8.79 -0.63 9.64
CA ILE A 103 10.07 -1.30 9.78
C ILE A 103 11.02 -0.40 10.54
N ARG A 104 12.07 -1.00 11.09
CA ARG A 104 13.06 -0.28 11.85
C ARG A 104 14.45 -0.33 11.28
N ARG A 105 14.60 -1.04 10.15
CA ARG A 105 15.91 -1.20 9.52
C ARG A 105 15.74 -1.75 8.10
N ALA A 106 16.67 -1.38 7.22
CA ALA A 106 16.64 -1.74 5.83
C ALA A 106 18.04 -1.69 5.28
N PRO A 107 18.34 -2.52 4.26
CA PRO A 107 19.61 -2.36 3.57
C PRO A 107 19.65 -1.10 2.70
N VAL A 108 20.81 -0.49 2.62
CA VAL A 108 21.06 0.58 1.68
C VAL A 108 21.66 -0.09 0.42
N ILE A 109 20.94 0.05 -0.70
CA ILE A 109 21.25 -0.60 -1.99
C ILE A 109 21.31 0.48 -3.08
N GLN A 110 22.35 0.45 -3.92
CA GLN A 110 22.46 1.31 -5.09
C GLN A 110 22.76 0.39 -6.25
N GLY A 111 21.85 0.39 -7.24
CA GLY A 111 21.84 -0.65 -8.27
C GLY A 111 21.46 -1.96 -7.59
N LYS A 112 22.39 -2.93 -7.63
CA LYS A 112 22.21 -4.19 -6.89
C LYS A 112 23.32 -4.40 -5.84
N THR A 113 24.08 -3.36 -5.57
CA THR A 113 25.21 -3.40 -4.67
C THR A 113 24.76 -2.97 -3.28
N LEU A 114 25.14 -3.76 -2.28
CA LEU A 114 24.84 -3.48 -0.88
C LEU A 114 25.92 -2.59 -0.26
N LEU A 115 25.56 -1.38 0.17
CA LEU A 115 26.52 -0.40 0.74
C LEU A 115 26.58 -0.36 2.26
N GLY A 116 25.54 -0.89 2.90
CA GLY A 116 25.36 -0.71 4.33
C GLY A 116 23.94 -1.02 4.82
N ILE A 117 23.69 -0.67 6.05
CA ILE A 117 22.42 -0.94 6.67
C ILE A 117 22.05 0.27 7.56
N ILE A 118 20.79 0.67 7.49
CA ILE A 118 20.33 1.90 8.14
C ILE A 118 19.12 1.54 9.00
N SER A 119 19.12 2.07 10.21
CA SER A 119 18.11 1.74 11.18
C SER A 119 17.60 2.99 11.90
N VAL A 120 16.50 2.81 12.61
CA VAL A 120 15.99 3.85 13.54
C VAL A 120 17.07 4.35 14.54
N SER A 121 17.91 3.47 15.07
CA SER A 121 19.02 3.87 15.95
C SER A 121 19.98 4.80 15.24
N ASP A 122 20.36 4.44 14.03
CA ASP A 122 21.19 5.29 13.19
C ASP A 122 20.56 6.67 13.08
N ILE A 123 19.27 6.71 12.80
CA ILE A 123 18.53 7.99 12.74
C ILE A 123 18.57 8.76 14.09
N LEU A 124 18.25 8.09 15.18
CA LEU A 124 18.25 8.73 16.48
C LEU A 124 19.60 9.29 16.84
N PHE A 125 20.66 8.54 16.57
CA PHE A 125 21.99 8.90 17.03
C PHE A 125 22.76 9.85 16.12
N LYS A 126 22.46 9.86 14.82
CA LYS A 126 23.26 10.57 13.83
C LYS A 126 22.52 11.56 12.92
N SER A 127 21.20 11.55 12.93
CA SER A 127 20.42 12.50 12.13
C SER A 127 20.60 13.92 12.67
N ASP A 128 20.47 14.89 11.78
CA ASP A 128 20.57 16.32 12.09
C ASP A 128 19.18 16.93 12.44
N PHE A 129 18.19 16.09 12.76
CA PHE A 129 16.80 16.54 12.90
C PHE A 129 16.55 17.46 14.13
N VAL A 130 17.42 17.42 15.13
CA VAL A 130 17.26 18.32 16.26
C VAL A 130 17.61 19.74 15.84
N GLU A 131 18.77 19.88 15.22
CA GLU A 131 19.33 21.18 14.84
C GLU A 131 18.80 21.72 13.50
N LYS A 132 18.46 20.83 12.56
CA LYS A 132 17.85 21.22 11.25
C LYS A 132 16.50 20.49 11.01
N PRO A 133 15.49 20.81 11.81
CA PRO A 133 14.18 20.26 11.56
C PRO A 133 13.52 20.99 10.36
N LYS A 134 13.08 20.23 9.38
CA LYS A 134 12.32 20.74 8.26
C LYS A 134 11.11 19.88 8.09
N ARG A 135 9.94 20.51 8.03
CA ARG A 135 8.69 19.76 7.86
C ARG A 135 8.67 19.12 6.46
N LEU A 136 8.16 17.89 6.36
CA LEU A 136 8.22 17.18 5.09
C LEU A 136 7.20 17.81 4.17
N PHE A 137 7.60 17.99 2.89
CA PHE A 137 6.73 18.52 1.85
C PHE A 137 6.33 19.97 2.07
N ILE A 138 7.04 20.72 2.90
CA ILE A 138 6.81 22.17 3.06
C ILE A 138 6.90 22.91 1.71
N GLU A 139 7.79 22.47 0.84
CA GLU A 139 7.97 23.08 -0.47
C GLU A 139 6.71 22.90 -1.35
N ASP A 140 6.05 21.76 -1.19
CA ASP A 140 4.78 21.46 -1.83
C ASP A 140 3.65 22.28 -1.18
N GLU A 141 3.66 22.41 0.14
CA GLU A 141 2.79 23.35 0.84
C GLU A 141 2.91 24.79 0.34
N ILE A 142 4.14 25.22 0.06
CA ILE A 142 4.37 26.58 -0.41
C ILE A 142 3.71 26.76 -1.79
N GLU A 143 4.02 25.88 -2.74
CA GLU A 143 3.35 25.84 -4.05
C GLU A 143 1.84 25.86 -4.02
N ALA A 144 1.24 25.07 -3.14
CA ALA A 144 -0.22 25.01 -2.99
C ALA A 144 -0.78 26.30 -2.40
N ALA A 145 -0.10 26.88 -1.43
CA ALA A 145 -0.54 28.13 -0.81
C ALA A 145 -0.44 29.33 -1.74
N ARG A 146 0.52 29.28 -2.68
CA ARG A 146 0.62 30.27 -3.75
C ARG A 146 -0.52 30.15 -4.76
N GLU A 147 -0.90 28.92 -5.13
CA GLU A 147 -2.04 28.66 -6.04
C GLU A 147 -3.36 29.14 -5.40
N ASP A 148 -3.58 28.76 -4.14
CA ASP A 148 -4.68 29.26 -3.34
C ASP A 148 -4.70 30.79 -3.31
N ALA A 149 -3.56 31.40 -2.98
CA ALA A 149 -3.42 32.88 -2.92
C ALA A 149 -3.75 33.60 -4.24
N ARG A 150 -3.22 33.08 -5.33
CA ARG A 150 -3.48 33.56 -6.68
C ARG A 150 -4.97 33.51 -7.03
N ALA A 151 -5.64 32.44 -6.60
CA ALA A 151 -7.06 32.25 -6.85
C ALA A 151 -7.93 33.21 -6.01
N ILE A 152 -7.58 33.38 -4.74
CA ILE A 152 -8.36 34.23 -3.87
C ILE A 152 -8.25 35.68 -4.34
N CYS A 153 -7.04 36.10 -4.74
CA CYS A 153 -6.85 37.46 -5.27
C CYS A 153 -7.60 37.69 -6.60
N ALA A 154 -7.58 36.72 -7.51
CA ALA A 154 -8.34 36.84 -8.77
C ALA A 154 -9.86 36.96 -8.50
N ALA A 155 -10.35 36.14 -7.56
CA ALA A 155 -11.78 36.10 -7.19
C ALA A 155 -12.27 37.32 -6.39
N LYS A 156 -11.53 37.70 -5.34
CA LYS A 156 -11.99 38.74 -4.41
C LYS A 156 -11.35 40.10 -4.59
N GLY A 157 -10.40 40.20 -5.52
CA GLY A 157 -9.74 41.46 -5.83
C GLY A 157 -8.36 41.53 -5.22
N GLU A 158 -7.47 42.18 -5.96
CA GLU A 158 -6.03 42.18 -5.66
C GLU A 158 -5.67 43.04 -4.41
N THR A 159 -6.62 43.88 -3.95
CA THR A 159 -6.42 44.76 -2.81
C THR A 159 -7.28 44.34 -1.61
N SER A 160 -7.78 43.12 -1.60
CA SER A 160 -8.76 42.72 -0.60
C SER A 160 -8.00 42.15 0.59
N PRO A 161 -8.58 42.32 1.81
CA PRO A 161 -8.00 41.68 3.00
C PRO A 161 -7.72 40.17 2.86
N ASP A 162 -8.58 39.45 2.15
CA ASP A 162 -8.48 38.01 1.93
C ASP A 162 -7.30 37.66 1.03
N CYS A 163 -7.05 38.51 0.03
CA CYS A 163 -5.89 38.39 -0.84
C CYS A 163 -4.62 38.55 -0.01
N ALA A 164 -4.51 39.67 0.72
CA ALA A 164 -3.31 39.91 1.55
C ALA A 164 -3.08 38.84 2.63
N ALA A 165 -4.17 38.34 3.22
CA ALA A 165 -4.08 37.22 4.17
C ALA A 165 -3.51 35.96 3.51
N ALA A 166 -4.00 35.59 2.32
CA ALA A 166 -3.56 34.38 1.67
C ALA A 166 -2.06 34.42 1.33
N TRP A 167 -1.59 35.58 0.84
CA TRP A 167 -0.15 35.76 0.63
C TRP A 167 0.67 35.75 1.92
N ASP A 168 0.14 36.28 3.02
CA ASP A 168 0.80 36.18 4.34
C ASP A 168 1.06 34.72 4.77
N VAL A 169 0.15 33.81 4.41
CA VAL A 169 0.34 32.38 4.65
C VAL A 169 1.53 31.87 3.84
N VAL A 170 1.64 32.29 2.57
CA VAL A 170 2.79 31.93 1.72
C VAL A 170 4.10 32.40 2.35
N GLU A 171 4.10 33.58 2.96
CA GLU A 171 5.29 34.15 3.57
C GLU A 171 5.66 33.54 4.92
N GLU A 172 4.70 33.19 5.76
CA GLU A 172 5.02 32.51 7.04
C GLU A 172 5.66 31.15 6.73
N LEU A 173 5.17 30.46 5.71
CA LEU A 173 5.74 29.19 5.25
C LEU A 173 7.16 29.33 4.69
N GLN A 174 7.36 30.31 3.83
CA GLN A 174 8.68 30.59 3.25
C GLN A 174 9.69 31.02 4.28
N ALA A 175 9.27 31.71 5.33
CA ALA A 175 10.15 32.05 6.45
C ALA A 175 10.56 30.80 7.19
N GLU A 176 9.58 29.94 7.44
CA GLU A 176 9.82 28.64 8.07
C GLU A 176 10.79 27.73 7.27
N ALA A 177 10.75 27.79 5.94
CA ALA A 177 11.59 26.94 5.11
C ALA A 177 13.05 27.40 5.03
N SER A 178 13.31 28.67 5.35
CA SER A 178 14.67 29.24 5.36
C SER A 178 15.31 29.22 6.76
N HIS A 179 14.64 29.76 7.79
CA HIS A 179 15.01 29.54 9.22
C HIS A 179 15.77 28.23 9.49
N GLN A 180 15.31 27.12 8.88
CA GLN A 180 15.97 25.79 8.92
C GLN A 180 16.99 25.47 7.79
N ARG A 181 16.84 26.06 6.60
CA ARG A 181 17.92 26.07 5.58
C ARG A 181 18.96 27.18 5.92
N ALA A 182 19.63 26.98 7.05
CA ALA A 182 20.50 28.01 7.67
C ALA A 182 21.36 27.37 8.78
N MET B 3 12.65 -19.39 -18.35
CA MET B 3 13.13 -18.32 -17.44
C MET B 3 12.00 -17.83 -16.57
N VAL B 4 12.36 -17.25 -15.42
CA VAL B 4 11.37 -16.62 -14.57
C VAL B 4 10.87 -15.34 -15.24
N LEU B 5 9.56 -15.24 -15.35
CA LEU B 5 8.86 -14.07 -15.87
C LEU B 5 9.15 -12.85 -14.97
N GLN B 6 9.51 -11.73 -15.58
CA GLN B 6 9.97 -10.56 -14.85
C GLN B 6 8.95 -9.43 -14.87
N ALA B 7 9.04 -8.54 -13.88
CA ALA B 7 8.12 -7.42 -13.69
C ALA B 7 7.92 -6.59 -14.95
N GLN B 8 9.01 -6.29 -15.64
CA GLN B 8 8.95 -5.43 -16.84
C GLN B 8 8.18 -6.07 -17.99
N GLU B 9 8.09 -7.41 -18.02
CA GLU B 9 7.33 -8.14 -19.05
C GLU B 9 5.83 -8.06 -18.85
N ILE B 10 5.38 -7.81 -17.63
CA ILE B 10 3.95 -7.66 -17.36
C ILE B 10 3.49 -6.27 -16.92
N MET B 11 4.41 -5.34 -16.68
CA MET B 11 4.01 -4.00 -16.22
C MET B 11 3.22 -3.24 -17.28
N THR B 12 2.37 -2.34 -16.80
CA THR B 12 1.76 -1.31 -17.63
C THR B 12 2.81 -0.27 -17.94
N GLN B 13 2.92 0.09 -19.20
CA GLN B 13 3.96 1.03 -19.66
C GLN B 13 3.45 2.48 -19.63
N ASN B 14 2.15 2.68 -19.83
CA ASN B 14 1.54 4.01 -19.73
C ASN B 14 1.49 4.47 -18.27
N VAL B 15 2.46 5.29 -17.92
CA VAL B 15 2.54 5.80 -16.57
C VAL B 15 2.58 7.32 -16.65
N VAL B 16 1.65 7.96 -15.95
CA VAL B 16 1.59 9.41 -15.88
C VAL B 16 2.02 9.85 -14.50
N THR B 17 2.61 11.04 -14.44
CA THR B 17 3.05 11.66 -13.19
C THR B 17 2.29 12.95 -12.87
N ILE B 18 2.36 13.35 -11.62
CA ILE B 18 1.72 14.57 -11.12
C ILE B 18 2.58 15.21 -10.07
N ARG B 19 2.52 16.54 -9.91
CA ARG B 19 3.18 17.21 -8.81
C ARG B 19 2.51 16.90 -7.45
N GLY B 20 3.31 16.82 -6.39
CA GLY B 20 2.77 16.69 -5.06
C GLY B 20 1.96 17.89 -4.63
N SER B 21 2.20 19.06 -5.22
CA SER B 21 1.48 20.29 -4.88
C SER B 21 0.12 20.43 -5.54
N ALA B 22 -0.17 19.57 -6.51
CA ALA B 22 -1.51 19.52 -7.15
C ALA B 22 -2.61 19.17 -6.19
N THR B 23 -3.83 19.56 -6.50
CA THR B 23 -5.00 19.18 -5.70
C THR B 23 -5.37 17.75 -5.96
N VAL B 24 -6.15 17.17 -5.08
CA VAL B 24 -6.66 15.82 -5.27
C VAL B 24 -7.65 15.82 -6.44
N ALA B 25 -8.38 16.93 -6.62
CA ALA B 25 -9.24 17.10 -7.79
C ALA B 25 -8.46 17.01 -9.12
N ASP B 26 -7.33 17.71 -9.23
CA ASP B 26 -6.39 17.54 -10.36
C ASP B 26 -5.97 16.09 -10.59
N ALA B 27 -5.62 15.39 -9.51
CA ALA B 27 -5.28 13.99 -9.57
C ALA B 27 -6.45 13.15 -10.09
N VAL B 28 -7.66 13.42 -9.58
CA VAL B 28 -8.84 12.66 -9.96
C VAL B 28 -9.18 12.87 -11.43
N LYS B 29 -9.02 14.11 -11.90
CA LYS B 29 -9.28 14.46 -13.30
C LYS B 29 -8.36 13.74 -14.25
N LEU B 30 -7.09 13.68 -13.88
CA LEU B 30 -6.06 13.03 -14.66
C LEU B 30 -6.32 11.52 -14.74
N MET B 31 -6.71 10.93 -13.61
CA MET B 31 -6.98 9.49 -13.50
C MET B 31 -8.19 9.11 -14.31
N LYS B 32 -9.22 9.94 -14.26
CA LYS B 32 -10.40 9.75 -15.13
C LYS B 32 -10.08 9.88 -16.63
N GLU B 33 -9.40 10.94 -17.07
CA GLU B 33 -9.02 11.10 -18.50
C GLU B 33 -8.18 9.90 -18.97
N LYS B 34 -7.11 9.60 -18.27
CA LYS B 34 -6.18 8.55 -18.70
C LYS B 34 -6.63 7.13 -18.30
N LYS B 35 -7.71 7.00 -17.52
CA LYS B 35 -8.20 5.69 -16.97
C LYS B 35 -7.16 4.96 -16.06
N LEU B 36 -6.72 5.62 -14.99
CA LEU B 36 -5.59 5.16 -14.16
C LEU B 36 -5.93 5.02 -12.68
N ARG B 37 -5.48 3.93 -12.07
CA ARG B 37 -5.75 3.64 -10.68
C ARG B 37 -4.61 4.08 -9.78
N GLY B 38 -3.61 4.72 -10.38
CA GLY B 38 -2.47 5.24 -9.65
C GLY B 38 -1.63 6.23 -10.45
N LEU B 39 -1.19 7.29 -9.79
CA LEU B 39 -0.29 8.26 -10.37
C LEU B 39 1.01 8.27 -9.63
N ILE B 40 2.10 8.40 -10.38
CA ILE B 40 3.43 8.57 -9.82
C ILE B 40 3.67 10.06 -9.51
N VAL B 41 4.26 10.35 -8.37
CA VAL B 41 4.55 11.74 -8.00
C VAL B 41 5.97 12.02 -8.52
N GLU B 42 6.08 13.06 -9.37
CA GLU B 42 7.35 13.54 -9.95
C GLU B 42 8.37 13.83 -8.88
N PRO B 43 9.59 13.28 -8.98
CA PRO B 43 10.65 13.80 -8.11
C PRO B 43 10.99 15.24 -8.49
N ARG B 44 11.20 16.10 -7.50
CA ARG B 44 11.55 17.51 -7.73
C ARG B 44 13.01 17.76 -8.07
N HIS B 45 13.88 16.77 -7.80
CA HIS B 45 15.31 16.86 -8.09
C HIS B 45 15.97 15.46 -7.95
N GLU B 46 17.16 15.28 -8.53
CA GLU B 46 17.85 13.95 -8.60
C GLU B 46 17.76 13.04 -7.32
N GLN B 47 17.93 13.65 -6.15
CA GLN B 47 17.90 12.94 -4.85
C GLN B 47 16.52 12.62 -4.34
N ASP B 48 15.54 13.42 -4.73
CA ASP B 48 14.15 13.32 -4.22
C ASP B 48 13.52 11.98 -4.62
N PRO B 49 12.93 11.22 -3.67
CA PRO B 49 12.42 9.90 -4.04
C PRO B 49 11.11 9.91 -4.85
N TYR B 50 10.80 8.81 -5.52
CA TYR B 50 9.48 8.68 -6.17
C TYR B 50 8.39 8.52 -5.11
N GLY B 51 7.20 9.01 -5.41
CA GLY B 51 6.03 8.73 -4.58
C GLY B 51 4.90 8.22 -5.45
N ILE B 52 3.82 7.80 -4.82
CA ILE B 52 2.62 7.33 -5.49
C ILE B 52 1.36 7.78 -4.75
N VAL B 53 0.30 8.02 -5.51
CA VAL B 53 -1.03 8.23 -4.97
C VAL B 53 -1.95 7.30 -5.78
N THR B 54 -2.82 6.59 -5.09
CA THR B 54 -3.59 5.51 -5.69
C THR B 54 -5.08 5.74 -5.43
N GLU B 55 -5.92 5.07 -6.21
CA GLU B 55 -7.38 5.11 -6.00
C GLU B 55 -7.81 4.92 -4.54
N THR B 56 -7.14 4.01 -3.82
CA THR B 56 -7.46 3.76 -2.42
C THR B 56 -7.12 4.91 -1.49
N ASP B 57 -5.96 5.52 -1.70
CA ASP B 57 -5.57 6.73 -0.96
C ASP B 57 -6.69 7.75 -1.05
N ILE B 58 -7.16 7.99 -2.27
CA ILE B 58 -8.16 9.02 -2.50
C ILE B 58 -9.49 8.66 -1.86
N VAL B 59 -9.93 7.41 -2.00
CA VAL B 59 -11.21 6.95 -1.45
C VAL B 59 -11.19 6.91 0.08
N TYR B 60 -10.18 6.27 0.66
CA TYR B 60 -10.05 6.16 2.11
C TYR B 60 -9.75 7.51 2.79
N LYS B 61 -8.91 8.35 2.20
CA LYS B 61 -8.49 9.57 2.87
C LYS B 61 -9.26 10.83 2.56
N VAL B 62 -10.01 10.84 1.45
CA VAL B 62 -10.76 12.04 1.05
C VAL B 62 -12.26 11.77 1.02
N ALA B 63 -12.69 10.82 0.19
CA ALA B 63 -14.12 10.48 0.03
C ALA B 63 -14.78 10.00 1.33
N ALA B 64 -14.08 9.13 2.07
CA ALA B 64 -14.60 8.55 3.31
C ALA B 64 -14.85 9.51 4.45
N PHE B 65 -14.23 10.68 4.42
CA PHE B 65 -14.49 11.75 5.40
C PHE B 65 -15.32 12.87 4.82
N GLY B 66 -15.48 12.90 3.50
CA GLY B 66 -16.20 13.96 2.85
C GLY B 66 -15.40 15.23 2.72
N HIS B 67 -14.07 15.10 2.67
CA HIS B 67 -13.21 16.25 2.37
C HIS B 67 -13.40 16.69 0.95
N ASP B 68 -13.06 17.96 0.72
CA ASP B 68 -13.20 18.60 -0.55
C ASP B 68 -11.93 18.31 -1.34
N PRO B 69 -12.02 17.51 -2.42
CA PRO B 69 -10.79 17.28 -3.18
C PRO B 69 -10.17 18.55 -3.77
N LYS B 70 -10.93 19.64 -3.91
CA LYS B 70 -10.41 20.90 -4.44
C LYS B 70 -9.55 21.69 -3.46
N THR B 71 -9.58 21.34 -2.17
CA THR B 71 -8.69 21.97 -1.16
C THR B 71 -7.61 21.02 -0.63
N MET B 72 -7.83 19.71 -0.64
CA MET B 72 -6.75 18.79 -0.28
C MET B 72 -5.76 18.70 -1.40
N ARG B 73 -4.52 18.32 -1.05
CA ARG B 73 -3.42 18.20 -2.01
C ARG B 73 -2.85 16.79 -1.97
N VAL B 74 -2.19 16.43 -3.05
CA VAL B 74 -1.61 15.11 -3.23
C VAL B 74 -0.56 14.80 -2.15
N TYR B 75 0.23 15.79 -1.75
CA TYR B 75 1.19 15.60 -0.68
C TYR B 75 0.54 15.21 0.64
N GLU B 76 -0.73 15.54 0.83
CA GLU B 76 -1.42 15.14 2.05
C GLU B 76 -1.87 13.68 2.12
N ILE B 77 -1.91 12.98 0.99
CA ILE B 77 -2.38 11.62 0.93
C ILE B 77 -1.47 10.62 0.21
N MET B 78 -0.44 11.08 -0.50
CA MET B 78 0.51 10.20 -1.20
C MET B 78 1.41 9.38 -0.26
N ALA B 79 2.04 8.33 -0.79
CA ALA B 79 3.14 7.64 -0.13
C ALA B 79 4.42 8.11 -0.79
N LYS B 80 5.33 8.66 0.00
CA LYS B 80 6.57 9.19 -0.52
C LYS B 80 7.57 9.20 0.63
N PRO B 81 8.65 8.41 0.58
CA PRO B 81 8.96 7.48 -0.49
C PRO B 81 7.94 6.36 -0.62
N CYS B 82 7.83 5.83 -1.81
CA CYS B 82 7.00 4.67 -2.04
C CYS B 82 7.90 3.48 -2.27
N VAL B 83 7.35 2.30 -2.01
CA VAL B 83 7.98 1.03 -2.33
C VAL B 83 8.09 0.96 -3.86
N VAL B 84 9.22 0.51 -4.37
CA VAL B 84 9.52 0.48 -5.81
C VAL B 84 9.93 -0.92 -6.23
N VAL B 85 9.88 -1.18 -7.53
CA VAL B 85 10.13 -2.51 -8.07
C VAL B 85 11.22 -2.40 -9.10
N ASN B 86 12.20 -3.27 -9.01
CA ASN B 86 13.23 -3.44 -10.05
C ASN B 86 12.58 -4.07 -11.31
N PRO B 87 12.96 -3.64 -12.51
CA PRO B 87 12.37 -4.31 -13.69
C PRO B 87 12.72 -5.82 -13.86
N GLU B 88 13.88 -6.24 -13.36
CA GLU B 88 14.30 -7.63 -13.47
C GLU B 88 13.64 -8.54 -12.41
N LEU B 89 13.02 -7.97 -11.39
CA LEU B 89 12.43 -8.76 -10.28
C LEU B 89 11.32 -9.72 -10.78
N GLY B 90 11.43 -10.99 -10.43
CA GLY B 90 10.44 -11.98 -10.83
C GLY B 90 9.07 -11.70 -10.23
N VAL B 91 8.00 -12.05 -10.96
CA VAL B 91 6.69 -11.58 -10.57
C VAL B 91 6.24 -12.19 -9.25
N GLU B 92 6.72 -13.38 -8.94
CA GLU B 92 6.34 -14.06 -7.72
C GLU B 92 6.92 -13.29 -6.52
N TYR B 93 8.10 -12.69 -6.70
CA TYR B 93 8.67 -11.78 -5.72
C TYR B 93 7.88 -10.48 -5.60
N VAL B 94 7.41 -9.94 -6.72
CA VAL B 94 6.58 -8.74 -6.66
C VAL B 94 5.32 -9.00 -5.87
N ALA B 95 4.67 -10.11 -6.20
CA ALA B 95 3.47 -10.62 -5.49
C ALA B 95 3.72 -10.65 -4.01
N ARG B 96 4.90 -11.13 -3.62
CA ARG B 96 5.22 -11.24 -2.21
C ARG B 96 5.53 -9.93 -1.52
N LEU B 97 6.31 -9.08 -2.19
CA LEU B 97 6.61 -7.74 -1.72
C LEU B 97 5.28 -7.03 -1.46
N PHE B 98 4.36 -7.18 -2.40
CA PHE B 98 3.03 -6.60 -2.27
C PHE B 98 2.28 -7.15 -1.06
N ALA B 99 2.29 -8.46 -0.85
CA ALA B 99 1.60 -9.02 0.30
C ALA B 99 2.24 -8.56 1.61
N GLN B 100 3.56 -8.63 1.71
CA GLN B 100 4.26 -8.21 2.93
C GLN B 100 4.08 -6.73 3.30
N THR B 101 4.06 -5.84 2.31
CA THR B 101 3.88 -4.41 2.54
C THR B 101 2.43 -3.92 2.43
N ARG B 102 1.51 -4.80 2.04
CA ARG B 102 0.08 -4.50 1.92
C ARG B 102 -0.25 -3.38 0.92
N ILE B 103 0.46 -3.34 -0.20
CA ILE B 103 0.22 -2.41 -1.30
C ILE B 103 -0.26 -3.24 -2.49
N ARG B 104 -0.88 -2.56 -3.44
CA ARG B 104 -1.41 -3.20 -4.63
C ARG B 104 -0.78 -2.73 -5.92
N ARG B 105 0.17 -1.80 -5.83
CA ARG B 105 0.82 -1.22 -7.00
C ARG B 105 2.05 -0.43 -6.63
N ALA B 106 3.02 -0.37 -7.55
CA ALA B 106 4.29 0.26 -7.31
C ALA B 106 4.91 0.66 -8.63
N PRO B 107 5.72 1.75 -8.63
CA PRO B 107 6.45 2.06 -9.86
C PRO B 107 7.60 1.10 -10.11
N VAL B 108 7.85 0.84 -11.38
CA VAL B 108 9.02 0.08 -11.79
C VAL B 108 10.09 1.12 -12.13
N ILE B 109 11.20 1.06 -11.40
CA ILE B 109 12.31 2.04 -11.45
C ILE B 109 13.62 1.26 -11.72
N GLN B 110 14.43 1.74 -12.65
CA GLN B 110 15.76 1.19 -12.91
C GLN B 110 16.72 2.39 -12.89
N GLY B 111 17.66 2.35 -11.94
CA GLY B 111 18.38 3.56 -11.54
C GLY B 111 17.41 4.57 -10.93
N LYS B 112 17.26 5.71 -11.57
CA LYS B 112 16.29 6.74 -11.17
C LYS B 112 15.33 7.04 -12.34
N THR B 113 15.28 6.14 -13.33
CA THR B 113 14.38 6.26 -14.46
C THR B 113 13.13 5.47 -14.18
N LEU B 114 11.99 6.12 -14.42
CA LEU B 114 10.67 5.46 -14.30
C LEU B 114 10.30 4.71 -15.60
N LEU B 115 10.17 3.39 -15.56
CA LEU B 115 9.88 2.57 -16.76
C LEU B 115 8.43 2.15 -16.92
N GLY B 116 7.62 2.31 -15.88
CA GLY B 116 6.26 1.74 -15.85
C GLY B 116 5.67 1.62 -14.46
N ILE B 117 4.56 0.89 -14.38
CA ILE B 117 3.86 0.70 -13.12
C ILE B 117 3.27 -0.73 -13.13
N ILE B 118 3.38 -1.41 -11.98
CA ILE B 118 3.01 -2.82 -11.86
C ILE B 118 2.07 -2.95 -10.69
N SER B 119 1.01 -3.72 -10.89
CA SER B 119 -0.04 -3.87 -9.91
C SER B 119 -0.47 -5.31 -9.73
N VAL B 120 -1.24 -5.55 -8.68
CA VAL B 120 -1.90 -6.86 -8.46
C VAL B 120 -2.72 -7.32 -9.70
N SER B 121 -3.43 -6.40 -10.37
CA SER B 121 -4.19 -6.73 -11.58
C SER B 121 -3.27 -7.21 -12.67
N ASP B 122 -2.15 -6.50 -12.88
CA ASP B 122 -1.14 -6.93 -13.82
C ASP B 122 -0.74 -8.36 -13.52
N ILE B 123 -0.47 -8.65 -12.25
CA ILE B 123 -0.12 -10.02 -11.82
C ILE B 123 -1.25 -11.03 -12.10
N LEU B 124 -2.47 -10.72 -11.71
CA LEU B 124 -3.58 -11.63 -11.94
C LEU B 124 -3.80 -11.93 -13.42
N PHE B 125 -3.70 -10.90 -14.26
CA PHE B 125 -4.06 -11.03 -15.66
C PHE B 125 -2.95 -11.51 -16.58
N LYS B 126 -1.69 -11.30 -16.20
CA LYS B 126 -0.56 -11.58 -17.08
C LYS B 126 0.54 -12.50 -16.50
N SER B 127 0.49 -12.82 -15.22
CA SER B 127 1.44 -13.75 -14.62
C SER B 127 1.19 -15.15 -15.12
N ASP B 128 2.23 -15.95 -15.14
CA ASP B 128 2.17 -17.39 -15.50
C ASP B 128 1.91 -18.31 -14.27
N PHE B 129 1.42 -17.75 -13.18
CA PHE B 129 1.35 -18.44 -11.87
C PHE B 129 0.35 -19.59 -11.80
N VAL B 130 -0.63 -19.64 -12.70
CA VAL B 130 -1.57 -20.76 -12.68
C VAL B 130 -0.88 -22.00 -13.23
N GLU B 131 -0.25 -21.83 -14.39
CA GLU B 131 0.38 -22.94 -15.13
C GLU B 131 1.80 -23.27 -14.65
N LYS B 132 2.55 -22.26 -14.18
CA LYS B 132 3.91 -22.44 -13.61
C LYS B 132 4.02 -21.86 -12.19
N PRO B 133 3.32 -22.46 -11.23
CA PRO B 133 3.48 -22.05 -9.85
C PRO B 133 4.81 -22.55 -9.29
N LYS B 134 5.61 -21.64 -8.76
CA LYS B 134 6.93 -22.03 -8.25
C LYS B 134 7.11 -21.46 -6.89
N ARG B 135 7.37 -22.35 -5.94
CA ARG B 135 7.40 -21.99 -4.53
C ARG B 135 8.61 -21.10 -4.26
N LEU B 136 8.41 -20.11 -3.40
CA LEU B 136 9.44 -19.11 -3.16
C LEU B 136 10.50 -19.79 -2.30
N PHE B 137 11.75 -19.42 -2.59
CA PHE B 137 12.95 -19.83 -1.79
C PHE B 137 13.23 -21.32 -1.91
N ILE B 138 12.72 -21.91 -2.99
CA ILE B 138 12.95 -23.31 -3.27
C ILE B 138 14.43 -23.68 -3.37
N GLU B 139 15.23 -22.78 -3.89
CA GLU B 139 16.69 -23.03 -4.02
C GLU B 139 17.37 -23.17 -2.64
N ASP B 140 16.85 -22.41 -1.67
CA ASP B 140 17.28 -22.48 -0.28
C ASP B 140 16.77 -23.81 0.36
N GLU B 141 15.51 -24.16 0.07
CA GLU B 141 14.98 -25.46 0.41
C GLU B 141 15.80 -26.63 -0.13
N ILE B 142 16.29 -26.50 -1.36
CA ILE B 142 17.07 -27.58 -1.97
C ILE B 142 18.36 -27.79 -1.18
N GLU B 143 19.13 -26.71 -0.97
CA GLU B 143 20.33 -26.75 -0.09
C GLU B 143 20.13 -27.42 1.28
N ALA B 144 19.04 -27.05 1.96
CA ALA B 144 18.71 -27.60 3.27
C ALA B 144 18.33 -29.09 3.21
N ALA B 145 17.57 -29.47 2.18
CA ALA B 145 17.12 -30.85 2.01
C ALA B 145 18.24 -31.80 1.64
N ARG B 146 19.27 -31.27 0.95
CA ARG B 146 20.50 -32.01 0.67
C ARG B 146 21.32 -32.26 1.93
N GLU B 147 21.43 -31.25 2.80
CA GLU B 147 22.14 -31.38 4.08
C GLU B 147 21.44 -32.41 5.01
N ASP B 148 20.11 -32.26 5.13
CA ASP B 148 19.27 -33.24 5.82
C ASP B 148 19.48 -34.64 5.28
N ALA B 149 19.38 -34.80 3.94
CA ALA B 149 19.55 -36.12 3.27
C ALA B 149 20.90 -36.78 3.53
N ARG B 150 21.96 -35.98 3.40
CA ARG B 150 23.35 -36.41 3.69
C ARG B 150 23.52 -36.92 5.12
N ALA B 151 22.87 -36.23 6.06
CA ALA B 151 22.95 -36.58 7.49
C ALA B 151 22.17 -37.86 7.80
N ILE B 152 20.98 -38.00 7.23
CA ILE B 152 20.14 -39.16 7.49
C ILE B 152 20.81 -40.40 6.94
N CYS B 153 21.40 -40.30 5.74
CA CYS B 153 22.09 -41.44 5.13
C CYS B 153 23.35 -41.82 5.90
N ALA B 154 24.13 -40.83 6.38
CA ALA B 154 25.31 -41.12 7.22
C ALA B 154 24.91 -41.84 8.50
N ALA B 155 23.84 -41.38 9.15
CA ALA B 155 23.32 -41.95 10.40
C ALA B 155 22.64 -43.33 10.25
N LYS B 156 21.74 -43.48 9.28
CA LYS B 156 20.90 -44.68 9.17
C LYS B 156 21.33 -45.69 8.11
N GLY B 157 22.33 -45.33 7.31
CA GLY B 157 22.79 -46.17 6.22
C GLY B 157 22.27 -45.73 4.86
N GLU B 158 23.11 -45.92 3.85
CA GLU B 158 22.87 -45.51 2.48
C GLU B 158 21.68 -46.22 1.77
N THR B 159 21.26 -47.37 2.31
CA THR B 159 20.24 -48.19 1.67
C THR B 159 18.99 -48.27 2.57
N SER B 160 18.85 -47.32 3.50
CA SER B 160 17.74 -47.34 4.42
C SER B 160 16.57 -46.62 3.81
N PRO B 161 15.31 -47.05 4.14
CA PRO B 161 14.13 -46.32 3.65
C PRO B 161 14.16 -44.81 3.95
N ASP B 162 14.69 -44.41 5.12
CA ASP B 162 14.75 -42.99 5.48
C ASP B 162 15.75 -42.21 4.64
N CYS B 163 16.84 -42.86 4.28
CA CYS B 163 17.80 -42.27 3.33
C CYS B 163 17.14 -42.04 1.99
N ALA B 164 16.54 -43.09 1.41
CA ALA B 164 15.88 -42.96 0.09
C ALA B 164 14.73 -41.95 0.09
N ALA B 165 13.98 -41.89 1.18
CA ALA B 165 12.95 -40.86 1.34
C ALA B 165 13.53 -39.44 1.33
N ALA B 166 14.60 -39.21 2.08
CA ALA B 166 15.19 -37.87 2.17
C ALA B 166 15.72 -37.39 0.82
N TRP B 167 16.36 -38.28 0.07
CA TRP B 167 16.77 -37.95 -1.32
C TRP B 167 15.63 -37.75 -2.28
N ASP B 168 14.53 -38.48 -2.11
CA ASP B 168 13.29 -38.24 -2.89
C ASP B 168 12.76 -36.81 -2.71
N VAL B 169 12.89 -36.26 -1.51
CA VAL B 169 12.53 -34.85 -1.24
C VAL B 169 13.44 -33.93 -2.06
N VAL B 170 14.75 -34.19 -2.09
CA VAL B 170 15.69 -33.41 -2.89
C VAL B 170 15.31 -33.40 -4.38
N GLU B 171 14.85 -34.56 -4.88
CA GLU B 171 14.46 -34.71 -6.27
C GLU B 171 13.11 -34.08 -6.63
N GLU B 172 12.11 -34.20 -5.76
CA GLU B 172 10.81 -33.56 -6.02
C GLU B 172 10.99 -32.06 -6.06
N LEU B 173 11.85 -31.51 -5.19
CA LEU B 173 12.15 -30.07 -5.17
C LEU B 173 12.88 -29.62 -6.42
N GLN B 174 13.91 -30.35 -6.83
CA GLN B 174 14.67 -30.01 -8.05
C GLN B 174 13.82 -30.10 -9.31
N ALA B 175 12.87 -31.03 -9.34
CA ALA B 175 11.93 -31.12 -10.46
C ALA B 175 11.02 -29.88 -10.49
N GLU B 176 10.53 -29.53 -9.32
CA GLU B 176 9.68 -28.37 -9.13
C GLU B 176 10.37 -27.04 -9.49
N ALA B 177 11.67 -26.93 -9.26
CA ALA B 177 12.42 -25.70 -9.57
C ALA B 177 12.70 -25.50 -11.05
N SER B 178 12.64 -26.59 -11.85
CA SER B 178 12.85 -26.51 -13.30
C SER B 178 11.49 -26.46 -14.06
N HIS B 179 10.47 -25.89 -13.41
CA HIS B 179 9.11 -25.75 -13.94
C HIS B 179 8.46 -27.10 -14.28
N GLY C 1 -27.37 14.68 -10.25
CA GLY C 1 -28.43 15.61 -9.73
C GLY C 1 -28.06 16.08 -8.33
N PRO C 2 -28.95 16.92 -7.72
CA PRO C 2 -28.62 17.51 -6.41
C PRO C 2 -28.65 16.49 -5.29
N MET C 3 -29.48 15.45 -5.42
CA MET C 3 -29.52 14.38 -4.44
C MET C 3 -28.17 13.74 -4.28
N VAL C 4 -27.95 13.11 -3.13
CA VAL C 4 -26.75 12.34 -2.89
C VAL C 4 -26.75 11.12 -3.81
N LEU C 5 -25.63 11.00 -4.53
CA LEU C 5 -25.45 9.93 -5.47
C LEU C 5 -25.37 8.59 -4.74
N GLN C 6 -26.07 7.58 -5.24
CA GLN C 6 -26.23 6.31 -4.58
C GLN C 6 -25.39 5.22 -5.25
N ALA C 7 -25.08 4.17 -4.47
CA ALA C 7 -24.27 3.05 -4.89
C ALA C 7 -24.72 2.44 -6.22
N GLN C 8 -26.01 2.24 -6.37
CA GLN C 8 -26.56 1.64 -7.58
C GLN C 8 -26.35 2.47 -8.85
N GLU C 9 -26.19 3.78 -8.70
CA GLU C 9 -25.94 4.70 -9.83
C GLU C 9 -24.52 4.62 -10.34
N ILE C 10 -23.58 4.17 -9.51
CA ILE C 10 -22.19 4.02 -9.95
C ILE C 10 -21.66 2.59 -10.01
N MET C 11 -22.43 1.61 -9.54
CA MET C 11 -21.93 0.24 -9.54
C MET C 11 -21.73 -0.32 -10.94
N THR C 12 -20.79 -1.25 -11.04
CA THR C 12 -20.68 -2.11 -12.21
C THR C 12 -21.81 -3.10 -12.18
N GLN C 13 -22.47 -3.25 -13.32
CA GLN C 13 -23.62 -4.12 -13.43
C GLN C 13 -23.25 -5.53 -13.87
N ASN C 14 -22.16 -5.67 -14.63
CA ASN C 14 -21.63 -6.98 -15.03
C ASN C 14 -21.01 -7.67 -13.82
N VAL C 15 -21.77 -8.55 -13.21
CA VAL C 15 -21.29 -9.24 -12.03
C VAL C 15 -21.47 -10.73 -12.28
N VAL C 16 -20.37 -11.45 -12.15
CA VAL C 16 -20.36 -12.88 -12.32
C VAL C 16 -20.15 -13.51 -10.95
N THR C 17 -20.73 -14.70 -10.78
CA THR C 17 -20.57 -15.48 -9.55
C THR C 17 -19.83 -16.79 -9.81
N ILE C 18 -19.31 -17.34 -8.73
CA ILE C 18 -18.65 -18.64 -8.74
C ILE C 18 -19.02 -19.41 -7.49
N ARG C 19 -19.03 -20.75 -7.56
CA ARG C 19 -19.21 -21.53 -6.33
C ARG C 19 -17.95 -21.50 -5.45
N GLY C 20 -18.16 -21.58 -4.15
CA GLY C 20 -17.06 -21.70 -3.20
C GLY C 20 -16.26 -22.97 -3.38
N SER C 21 -16.88 -24.02 -3.95
CA SER C 21 -16.21 -25.29 -4.22
C SER C 21 -15.30 -25.31 -5.45
N ALA C 22 -15.37 -24.30 -6.30
CA ALA C 22 -14.51 -24.19 -7.50
C ALA C 22 -13.05 -24.02 -7.11
N THR C 23 -12.15 -24.36 -8.04
CA THR C 23 -10.73 -24.14 -7.81
C THR C 23 -10.38 -22.68 -8.01
N VAL C 24 -9.24 -22.26 -7.50
CA VAL C 24 -8.77 -20.90 -7.71
C VAL C 24 -8.41 -20.71 -9.18
N ALA C 25 -7.93 -21.77 -9.84
CA ALA C 25 -7.71 -21.74 -11.28
C ALA C 25 -8.97 -21.41 -12.08
N ASP C 26 -10.08 -22.09 -11.76
CA ASP C 26 -11.41 -21.71 -12.32
C ASP C 26 -11.77 -20.25 -12.10
N ALA C 27 -11.54 -19.75 -10.89
CA ALA C 27 -11.75 -18.36 -10.58
C ALA C 27 -10.87 -17.44 -11.43
N VAL C 28 -9.59 -17.79 -11.57
CA VAL C 28 -8.65 -16.95 -12.32
C VAL C 28 -8.99 -16.91 -13.80
N LYS C 29 -9.42 -18.07 -14.32
CA LYS C 29 -9.82 -18.20 -15.72
C LYS C 29 -11.03 -17.32 -16.05
N LEU C 30 -12.01 -17.34 -15.14
CA LEU C 30 -13.23 -16.56 -15.28
C LEU C 30 -12.94 -15.08 -15.24
N MET C 31 -12.05 -14.67 -14.32
CA MET C 31 -11.67 -13.26 -14.15
C MET C 31 -10.92 -12.74 -15.34
N LYS C 32 -10.02 -13.55 -15.87
CA LYS C 32 -9.35 -13.20 -17.13
C LYS C 32 -10.30 -13.10 -18.34
N GLU C 33 -11.16 -14.10 -18.58
CA GLU C 33 -12.13 -14.01 -19.71
C GLU C 33 -13.05 -12.81 -19.58
N LYS C 34 -13.67 -12.63 -18.43
CA LYS C 34 -14.63 -11.53 -18.23
C LYS C 34 -13.97 -10.20 -17.87
N LYS C 35 -12.64 -10.17 -17.67
CA LYS C 35 -11.88 -8.95 -17.23
C LYS C 35 -12.34 -8.37 -15.87
N LEU C 36 -12.27 -9.17 -14.80
CA LEU C 36 -12.87 -8.85 -13.50
C LEU C 36 -11.87 -8.95 -12.35
N ARG C 37 -11.94 -7.99 -11.43
CA ARG C 37 -11.06 -7.94 -10.27
C ARG C 37 -11.76 -8.54 -9.06
N GLY C 38 -12.94 -9.10 -9.25
CA GLY C 38 -13.67 -9.74 -8.14
C GLY C 38 -14.84 -10.59 -8.57
N LEU C 39 -14.98 -11.75 -7.92
CA LEU C 39 -16.13 -12.64 -8.14
C LEU C 39 -16.97 -12.72 -6.88
N ILE C 40 -18.28 -12.71 -7.07
CA ILE C 40 -19.23 -12.96 -5.99
C ILE C 40 -19.42 -14.47 -5.79
N VAL C 41 -19.43 -14.93 -4.55
CA VAL C 41 -19.65 -16.35 -4.27
C VAL C 41 -21.14 -16.57 -4.09
N GLU C 42 -21.69 -17.48 -4.89
CA GLU C 42 -23.13 -17.88 -4.87
C GLU C 42 -23.54 -18.34 -3.48
N PRO C 43 -24.60 -17.78 -2.92
CA PRO C 43 -25.18 -18.45 -1.72
C PRO C 43 -25.78 -19.80 -2.10
N ARG C 44 -25.58 -20.79 -1.25
CA ARG C 44 -26.15 -22.15 -1.46
C ARG C 44 -27.63 -22.29 -1.11
N HIS C 45 -28.18 -21.38 -0.31
CA HIS C 45 -29.57 -21.45 0.12
C HIS C 45 -30.03 -20.15 0.79
N GLU C 46 -31.34 -19.93 0.88
CA GLU C 46 -31.97 -18.71 1.47
C GLU C 46 -31.24 -18.03 2.65
N GLN C 47 -30.82 -18.79 3.64
CA GLN C 47 -30.09 -18.28 4.83
C GLN C 47 -28.61 -17.95 4.59
N ASP C 48 -27.99 -18.65 3.65
CA ASP C 48 -26.55 -18.61 3.44
C ASP C 48 -26.08 -17.22 2.95
N PRO C 49 -25.06 -16.62 3.58
CA PRO C 49 -24.67 -15.26 3.15
C PRO C 49 -23.89 -15.19 1.83
N TYR C 50 -23.85 -14.02 1.21
CA TYR C 50 -22.96 -13.76 0.06
C TYR C 50 -21.50 -13.75 0.50
N GLY C 51 -20.62 -14.16 -0.40
CA GLY C 51 -19.18 -14.02 -0.18
C GLY C 51 -18.53 -13.35 -1.37
N ILE C 52 -17.25 -13.04 -1.25
CA ILE C 52 -16.47 -12.45 -2.34
C ILE C 52 -15.03 -13.01 -2.35
N VAL C 53 -14.45 -13.10 -3.54
CA VAL C 53 -13.05 -13.39 -3.73
C VAL C 53 -12.54 -12.36 -4.73
N THR C 54 -11.39 -11.78 -4.46
CA THR C 54 -10.90 -10.63 -5.20
C THR C 54 -9.50 -10.88 -5.71
N GLU C 55 -9.06 -10.08 -6.67
CA GLU C 55 -7.69 -10.15 -7.23
C GLU C 55 -6.62 -10.19 -6.14
N THR C 56 -6.80 -9.42 -5.08
CA THR C 56 -5.84 -9.39 -3.99
C THR C 56 -5.80 -10.65 -3.17
N ASP C 57 -6.97 -11.24 -2.87
CA ASP C 57 -7.04 -12.55 -2.20
C ASP C 57 -6.16 -13.53 -2.97
N ILE C 58 -6.35 -13.59 -4.28
CA ILE C 58 -5.64 -14.55 -5.08
C ILE C 58 -4.12 -14.27 -5.12
N VAL C 59 -3.73 -13.02 -5.30
CA VAL C 59 -2.31 -12.65 -5.39
C VAL C 59 -1.60 -12.79 -4.05
N TYR C 60 -2.18 -12.21 -3.00
CA TYR C 60 -1.60 -12.29 -1.66
C TYR C 60 -1.63 -13.70 -1.06
N LYS C 61 -2.69 -14.46 -1.26
CA LYS C 61 -2.81 -15.77 -0.59
C LYS C 61 -2.35 -16.96 -1.40
N VAL C 62 -2.22 -16.85 -2.71
CA VAL C 62 -1.89 -17.98 -3.57
C VAL C 62 -0.58 -17.74 -4.30
N ALA C 63 -0.52 -16.68 -5.11
CA ALA C 63 0.68 -16.34 -5.91
C ALA C 63 1.91 -16.06 -5.06
N ALA C 64 1.74 -15.27 -4.01
CA ALA C 64 2.83 -14.85 -3.13
C ALA C 64 3.48 -15.97 -2.32
N PHE C 65 2.78 -17.09 -2.15
CA PHE C 65 3.35 -18.29 -1.52
C PHE C 65 3.72 -19.38 -2.49
N GLY C 66 3.26 -19.26 -3.72
CA GLY C 66 3.54 -20.26 -4.74
C GLY C 66 2.66 -21.48 -4.64
N HIS C 67 1.47 -21.32 -4.07
CA HIS C 67 0.49 -22.42 -4.05
C HIS C 67 -0.04 -22.67 -5.44
N ASP C 68 -0.51 -23.90 -5.65
CA ASP C 68 -1.01 -24.33 -6.95
C ASP C 68 -2.48 -23.95 -7.04
N PRO C 69 -2.84 -22.99 -7.90
CA PRO C 69 -4.25 -22.67 -8.01
C PRO C 69 -5.15 -23.83 -8.45
N LYS C 70 -4.59 -24.86 -9.08
CA LYS C 70 -5.36 -26.04 -9.50
C LYS C 70 -5.81 -26.97 -8.36
N THR C 71 -5.17 -26.85 -7.19
CA THR C 71 -5.55 -27.64 -6.01
C THR C 71 -6.22 -26.80 -4.89
N MET C 72 -5.95 -25.51 -4.81
CA MET C 72 -6.68 -24.68 -3.86
C MET C 72 -8.08 -24.43 -4.36
N ARG C 73 -8.96 -24.10 -3.42
CA ARG C 73 -10.36 -23.81 -3.70
C ARG C 73 -10.74 -22.43 -3.18
N VAL C 74 -11.77 -21.87 -3.76
CA VAL C 74 -12.22 -20.51 -3.47
C VAL C 74 -12.59 -20.35 -1.99
N TYR C 75 -13.21 -21.38 -1.41
CA TYR C 75 -13.54 -21.35 0.03
C TYR C 75 -12.32 -21.18 0.90
N GLU C 76 -11.13 -21.54 0.42
CA GLU C 76 -9.90 -21.37 1.21
C GLU C 76 -9.35 -19.96 1.23
N ILE C 77 -9.78 -19.09 0.32
CA ILE C 77 -9.32 -17.69 0.28
C ILE C 77 -10.40 -16.61 0.26
N MET C 78 -11.67 -16.96 0.05
CA MET C 78 -12.78 -15.96 0.00
C MET C 78 -13.12 -15.30 1.37
N ALA C 79 -13.84 -14.19 1.34
CA ALA C 79 -14.50 -13.63 2.53
C ALA C 79 -15.98 -14.00 2.47
N LYS C 80 -16.47 -14.66 3.49
CA LYS C 80 -17.84 -15.09 3.58
C LYS C 80 -18.14 -15.26 5.08
N PRO C 81 -19.06 -14.49 5.65
CA PRO C 81 -19.79 -13.42 4.98
C PRO C 81 -18.88 -12.29 4.53
N CYS C 82 -19.29 -11.59 3.49
CA CYS C 82 -18.59 -10.42 3.07
C CYS C 82 -19.47 -9.24 3.43
N VAL C 83 -18.82 -8.08 3.55
CA VAL C 83 -19.49 -6.81 3.73
C VAL C 83 -20.29 -6.57 2.44
N VAL C 84 -21.53 -6.11 2.58
CA VAL C 84 -22.44 -5.91 1.44
C VAL C 84 -22.97 -4.48 1.49
N VAL C 85 -23.48 -4.00 0.36
CA VAL C 85 -23.83 -2.61 0.21
C VAL C 85 -25.25 -2.57 -0.25
N ASN C 86 -26.05 -1.74 0.43
CA ASN C 86 -27.43 -1.43 0.04
C ASN C 86 -27.38 -0.61 -1.28
N PRO C 87 -28.31 -0.85 -2.21
CA PRO C 87 -28.29 0.03 -3.41
C PRO C 87 -28.56 1.53 -3.16
N GLU C 88 -29.31 1.86 -2.12
CA GLU C 88 -29.65 3.24 -1.79
C GLU C 88 -28.50 3.95 -1.04
N LEU C 89 -27.50 3.23 -0.55
CA LEU C 89 -26.41 3.82 0.24
C LEU C 89 -25.61 4.86 -0.57
N GLY C 90 -25.45 6.07 0.00
CA GLY C 90 -24.67 7.12 -0.64
C GLY C 90 -23.21 6.77 -0.82
N VAL C 91 -22.58 7.27 -1.87
CA VAL C 91 -21.23 6.78 -2.21
C VAL C 91 -20.22 7.19 -1.17
N GLU C 92 -20.45 8.32 -0.52
CA GLU C 92 -19.54 8.78 0.51
C GLU C 92 -19.56 7.82 1.70
N TYR C 93 -20.73 7.24 1.97
CA TYR C 93 -20.86 6.16 2.95
C TYR C 93 -20.21 4.87 2.49
N VAL C 94 -20.30 4.54 1.22
CA VAL C 94 -19.61 3.34 0.72
C VAL C 94 -18.11 3.51 0.91
N ALA C 95 -17.60 4.67 0.51
CA ALA C 95 -16.19 5.05 0.71
C ALA C 95 -15.79 4.82 2.16
N ARG C 96 -16.65 5.22 3.10
CA ARG C 96 -16.36 5.08 4.51
C ARG C 96 -16.44 3.65 5.04
N LEU C 97 -17.47 2.94 4.63
CA LEU C 97 -17.63 1.53 4.98
C LEU C 97 -16.39 0.80 4.52
N PHE C 98 -15.94 1.12 3.32
CA PHE C 98 -14.71 0.54 2.78
C PHE C 98 -13.50 0.87 3.64
N ALA C 99 -13.35 2.12 4.05
CA ALA C 99 -12.21 2.49 4.89
C ALA C 99 -12.26 1.78 6.25
N GLN C 100 -13.42 1.82 6.91
CA GLN C 100 -13.57 1.18 8.22
C GLN C 100 -13.35 -0.35 8.22
N THR C 101 -13.81 -1.04 7.18
CA THR C 101 -13.65 -2.49 7.07
C THR C 101 -12.40 -2.93 6.27
N ARG C 102 -11.69 -1.99 5.68
CA ARG C 102 -10.45 -2.26 4.92
C ARG C 102 -10.63 -3.17 3.70
N ILE C 103 -11.73 -3.01 3.01
CA ILE C 103 -12.02 -3.73 1.75
C ILE C 103 -12.06 -2.71 0.64
N ARG C 104 -11.98 -3.17 -0.59
CA ARG C 104 -11.94 -2.26 -1.76
C ARG C 104 -13.08 -2.52 -2.74
N ARG C 105 -13.94 -3.46 -2.42
CA ARG C 105 -15.05 -3.86 -3.27
C ARG C 105 -16.04 -4.74 -2.51
N ALA C 106 -17.31 -4.69 -2.91
CA ALA C 106 -18.38 -5.37 -2.22
C ALA C 106 -19.55 -5.57 -3.15
N PRO C 107 -20.36 -6.62 -2.93
CA PRO C 107 -21.59 -6.74 -3.70
C PRO C 107 -22.65 -5.73 -3.28
N VAL C 108 -23.43 -5.28 -4.25
CA VAL C 108 -24.63 -4.52 -3.98
C VAL C 108 -25.78 -5.52 -3.95
N ILE C 109 -26.46 -5.59 -2.81
CA ILE C 109 -27.54 -6.57 -2.50
C ILE C 109 -28.79 -5.78 -2.04
N GLN C 110 -29.95 -6.12 -2.55
CA GLN C 110 -31.22 -5.58 -2.08
C GLN C 110 -32.10 -6.80 -1.79
N GLY C 111 -32.46 -6.95 -0.52
CA GLY C 111 -33.02 -8.19 -0.03
C GLY C 111 -31.99 -9.32 -0.13
N LYS C 112 -32.26 -10.32 -0.96
CA LYS C 112 -31.33 -11.39 -1.25
C LYS C 112 -30.94 -11.43 -2.74
N THR C 113 -31.27 -10.37 -3.48
CA THR C 113 -30.97 -10.28 -4.88
C THR C 113 -29.69 -9.51 -5.07
N LEU C 114 -28.79 -10.08 -5.89
CA LEU C 114 -27.53 -9.42 -6.28
C LEU C 114 -27.75 -8.46 -7.48
N LEU C 115 -27.54 -7.16 -7.29
CA LEU C 115 -27.77 -6.16 -8.35
C LEU C 115 -26.50 -5.73 -9.10
N GLY C 116 -25.32 -6.02 -8.56
CA GLY C 116 -24.07 -5.46 -9.06
C GLY C 116 -22.92 -5.52 -8.07
N ILE C 117 -21.85 -4.81 -8.40
CA ILE C 117 -20.64 -4.83 -7.60
C ILE C 117 -20.03 -3.43 -7.64
N ILE C 118 -19.57 -2.95 -6.49
CA ILE C 118 -19.12 -1.58 -6.33
C ILE C 118 -17.73 -1.63 -5.70
N SER C 119 -16.84 -0.80 -6.24
CA SER C 119 -15.45 -0.79 -5.84
C SER C 119 -14.89 0.59 -5.68
N VAL C 120 -13.70 0.66 -5.08
CA VAL C 120 -12.95 1.93 -5.01
C VAL C 120 -12.75 2.59 -6.40
N SER C 121 -12.48 1.80 -7.44
CA SER C 121 -12.36 2.33 -8.81
C SER C 121 -13.66 2.99 -9.25
N ASP C 122 -14.78 2.30 -9.02
CA ASP C 122 -16.09 2.88 -9.30
C ASP C 122 -16.19 4.21 -8.62
N ILE C 123 -15.84 4.28 -7.35
CA ILE C 123 -15.88 5.55 -6.60
C ILE C 123 -14.94 6.62 -7.20
N LEU C 124 -13.70 6.27 -7.48
CA LEU C 124 -12.76 7.24 -8.06
C LEU C 124 -13.23 7.78 -9.39
N PHE C 125 -13.77 6.90 -10.24
CA PHE C 125 -14.11 7.28 -11.61
C PHE C 125 -15.49 7.90 -11.79
N LYS C 126 -16.44 7.59 -10.92
CA LYS C 126 -17.82 7.96 -11.10
C LYS C 126 -18.51 8.74 -9.93
N SER C 127 -17.84 8.87 -8.79
CA SER C 127 -18.37 9.66 -7.70
C SER C 127 -18.44 11.14 -8.05
N ASP C 128 -19.41 11.83 -7.44
CA ASP C 128 -19.62 13.28 -7.62
C ASP C 128 -18.85 14.11 -6.56
N PHE C 129 -17.88 13.50 -5.87
CA PHE C 129 -17.22 14.13 -4.71
C PHE C 129 -16.32 15.33 -5.05
N VAL C 130 -15.90 15.47 -6.29
CA VAL C 130 -15.14 16.66 -6.70
C VAL C 130 -16.05 17.86 -6.75
N GLU C 131 -17.19 17.70 -7.44
CA GLU C 131 -18.15 18.80 -7.66
C GLU C 131 -19.14 19.00 -6.52
N LYS C 132 -19.49 17.94 -5.80
CA LYS C 132 -20.38 17.98 -4.61
C LYS C 132 -19.71 17.34 -3.36
N PRO C 133 -18.65 17.98 -2.86
CA PRO C 133 -18.07 17.55 -1.62
C PRO C 133 -18.94 17.94 -0.44
N LYS C 134 -19.28 16.96 0.39
CA LYS C 134 -20.04 17.17 1.61
C LYS C 134 -19.31 16.43 2.71
N ARG C 135 -19.02 17.14 3.78
CA ARG C 135 -18.35 16.60 4.96
C ARG C 135 -19.26 15.54 5.63
N LEU C 136 -18.67 14.45 6.11
CA LEU C 136 -19.52 13.39 6.67
C LEU C 136 -20.08 13.84 8.01
N PHE C 137 -21.37 13.55 8.21
CA PHE C 137 -22.11 13.88 9.43
C PHE C 137 -22.30 15.35 9.65
N ILE C 138 -22.14 16.18 8.61
CA ILE C 138 -22.51 17.60 8.67
C ILE C 138 -23.98 17.79 9.07
N GLU C 139 -24.85 16.89 8.65
CA GLU C 139 -26.27 16.92 9.01
C GLU C 139 -26.49 16.78 10.52
N ASP C 140 -25.65 15.96 11.15
CA ASP C 140 -25.60 15.78 12.60
C ASP C 140 -25.02 17.04 13.28
N GLU C 141 -23.97 17.60 12.69
CA GLU C 141 -23.48 18.91 13.10
C GLU C 141 -24.55 20.01 13.07
N ILE C 142 -25.38 19.99 12.03
CA ILE C 142 -26.44 20.98 11.87
C ILE C 142 -27.45 20.83 13.02
N GLU C 143 -27.97 19.62 13.22
CA GLU C 143 -28.85 19.32 14.39
C GLU C 143 -28.31 19.76 15.75
N ALA C 144 -27.03 19.52 16.00
CA ALA C 144 -26.39 19.92 17.26
C ALA C 144 -26.27 21.43 17.39
N ALA C 145 -25.92 22.11 16.29
CA ALA C 145 -25.79 23.56 16.28
C ALA C 145 -27.13 24.28 16.44
N ARG C 146 -28.20 23.66 15.96
CA ARG C 146 -29.57 24.13 16.18
C ARG C 146 -30.02 23.96 17.62
N GLU C 147 -29.68 22.84 18.26
CA GLU C 147 -29.97 22.61 19.71
C GLU C 147 -29.22 23.62 20.59
N ASP C 148 -27.93 23.78 20.32
CA ASP C 148 -27.12 24.82 20.94
C ASP C 148 -27.75 26.19 20.75
N ALA C 149 -28.09 26.55 19.51
CA ALA C 149 -28.71 27.86 19.17
C ALA C 149 -30.03 28.13 19.90
N ARG C 150 -30.90 27.13 19.91
CA ARG C 150 -32.17 27.16 20.64
C ARG C 150 -31.98 27.41 22.14
N ALA C 151 -30.96 26.78 22.71
CA ALA C 151 -30.66 26.91 24.13
C ALA C 151 -30.08 28.29 24.47
N ILE C 152 -29.17 28.79 23.64
CA ILE C 152 -28.55 30.07 23.89
C ILE C 152 -29.59 31.18 23.80
N CYS C 153 -30.47 31.10 22.81
CA CYS C 153 -31.55 32.09 22.65
C CYS C 153 -32.56 32.04 23.81
N ALA C 154 -32.93 30.85 24.27
CA ALA C 154 -33.82 30.72 25.44
C ALA C 154 -33.18 31.34 26.69
N ALA C 155 -31.89 31.07 26.91
CA ALA C 155 -31.13 31.57 28.05
C ALA C 155 -30.82 33.08 28.02
N LYS C 156 -30.30 33.57 26.89
CA LYS C 156 -29.78 34.94 26.80
C LYS C 156 -30.69 35.94 26.10
N GLY C 157 -31.81 35.46 25.55
CA GLY C 157 -32.76 36.32 24.84
C GLY C 157 -32.64 36.19 23.34
N GLU C 158 -33.79 36.27 22.68
CA GLU C 158 -33.90 36.05 21.23
C GLU C 158 -33.25 37.14 20.35
N THR C 159 -32.92 38.28 20.94
CA THR C 159 -32.34 39.43 20.23
C THR C 159 -30.88 39.67 20.68
N SER C 160 -30.26 38.69 21.34
CA SER C 160 -28.95 38.91 21.92
C SER C 160 -27.88 38.58 20.88
N PRO C 161 -26.72 39.28 20.94
CA PRO C 161 -25.60 38.92 20.06
C PRO C 161 -25.23 37.43 20.04
N ASP C 162 -25.30 36.78 21.20
CA ASP C 162 -24.96 35.35 21.34
C ASP C 162 -25.96 34.44 20.65
N CYS C 163 -27.22 34.84 20.70
CA CYS C 163 -28.27 34.14 19.96
C CYS C 163 -28.00 34.25 18.46
N ALA C 164 -27.83 35.46 17.95
CA ALA C 164 -27.56 35.66 16.50
C ALA C 164 -26.28 34.98 16.02
N ALA C 165 -25.25 34.97 16.86
CA ALA C 165 -24.02 34.22 16.56
C ALA C 165 -24.29 32.73 16.41
N ALA C 166 -25.02 32.14 17.36
CA ALA C 166 -25.27 30.70 17.33
C ALA C 166 -26.06 30.27 16.08
N TRP C 167 -27.07 31.08 15.70
CA TRP C 167 -27.79 30.84 14.44
C TRP C 167 -26.93 31.05 13.19
N ASP C 168 -25.99 31.98 13.22
CA ASP C 168 -25.02 32.16 12.11
C ASP C 168 -24.17 30.88 11.86
N VAL C 169 -23.86 30.15 12.94
CA VAL C 169 -23.18 28.85 12.82
C VAL C 169 -24.10 27.85 12.09
N VAL C 170 -25.39 27.83 12.44
CA VAL C 170 -26.36 26.96 11.77
C VAL C 170 -26.43 27.26 10.26
N GLU C 171 -26.35 28.53 9.90
CA GLU C 171 -26.43 28.96 8.50
C GLU C 171 -25.16 28.70 7.68
N GLU C 172 -23.97 28.90 8.28
CA GLU C 172 -22.73 28.57 7.56
C GLU C 172 -22.69 27.08 7.26
N LEU C 173 -23.13 26.26 8.20
CA LEU C 173 -23.19 24.80 8.03
C LEU C 173 -24.18 24.37 6.96
N GLN C 174 -25.39 24.94 6.98
CA GLN C 174 -26.41 24.62 5.99
C GLN C 174 -26.02 25.04 4.58
N ALA C 175 -25.27 26.14 4.47
CA ALA C 175 -24.74 26.57 3.18
C ALA C 175 -23.70 25.55 2.66
N GLU C 176 -22.83 25.14 3.58
CA GLU C 176 -21.84 24.12 3.30
C GLU C 176 -22.42 22.75 2.87
N ALA C 177 -23.57 22.37 3.42
CA ALA C 177 -24.20 21.09 3.08
C ALA C 177 -24.89 21.07 1.71
N SER C 178 -25.22 22.24 1.18
CA SER C 178 -25.83 22.37 -0.17
C SER C 178 -24.88 22.73 -1.37
N HIS C 179 -24.82 24.01 -1.77
CA HIS C 179 -24.11 24.39 -3.03
C HIS C 179 -24.09 25.91 -3.27
#